data_4HA7
#
_entry.id   4HA7
#
_cell.length_a   45.500
_cell.length_b   68.623
_cell.length_c   148.954
_cell.angle_alpha   90.00
_cell.angle_beta   90.00
_cell.angle_gamma   90.00
#
_symmetry.space_group_name_H-M   'P 21 21 21'
#
loop_
_entity.id
_entity.type
_entity.pdbx_description
1 polymer "2,5-diamino-6-ribosylamino-4(3H)-pyrimidinone 5'-phosphate reductase"
2 water water
#
_entity_poly.entity_id   1
_entity_poly.type   'polypeptide(L)'
_entity_poly.pdbx_seq_one_letter_code
;GPLGSMSLTPLCEDLPQFLQNYLPNAGQTENTIVPFVTLTYAQSLDARVSRGPGVRTTISHPETKTMTHYLRHHHDGILV
GSGTVLADNPGLNCKWGPDPAANSPRPIIIDTKQKWRFDGSKMQELFIKRQGKPPIVVVTSEPIIKEQHVDYAICPINDT
TKLVDWKKLFEILKEEFNIRSVMVEGGANVINQLLLRSDIVNSLIITIGSTFLGSSGTEVSPPQTVNLKDMSWWKGITDV
VLCARLADD
;
_entity_poly.pdbx_strand_id   A,B
#
# COMPACT_ATOMS: atom_id res chain seq x y z
N GLU A 13 -3.50 3.72 26.01
CA GLU A 13 -3.41 3.79 24.55
C GLU A 13 -4.78 3.86 23.87
N ASP A 14 -4.82 4.54 22.74
CA ASP A 14 -6.05 4.88 22.06
C ASP A 14 -6.51 3.82 21.05
N LEU A 15 -5.73 2.76 20.88
CA LEU A 15 -6.08 1.73 19.91
C LEU A 15 -7.46 1.04 20.17
N PRO A 16 -7.75 0.63 21.43
CA PRO A 16 -9.06 0.01 21.68
C PRO A 16 -10.27 0.86 21.28
N GLN A 17 -10.33 2.13 21.64
CA GLN A 17 -11.47 2.96 21.23
C GLN A 17 -11.48 3.15 19.72
N PHE A 18 -10.29 3.24 19.14
CA PHE A 18 -10.20 3.42 17.70
C PHE A 18 -10.88 2.26 16.98
N LEU A 19 -10.67 1.05 17.48
CA LEU A 19 -11.20 -0.15 16.80
C LEU A 19 -12.63 -0.46 17.19
N GLN A 20 -13.09 0.19 18.27
CA GLN A 20 -14.29 -0.25 18.97
C GLN A 20 -15.50 -0.47 18.06
N ASN A 21 -15.78 0.53 17.23
CA ASN A 21 -16.95 0.53 16.36
C ASN A 21 -16.87 -0.51 15.26
N TYR A 22 -15.67 -1.06 15.06
CA TYR A 22 -15.43 -2.02 13.95
C TYR A 22 -15.33 -3.49 14.41
N LEU A 23 -15.54 -3.73 15.69
CA LEU A 23 -15.45 -5.09 16.26
C LEU A 23 -16.82 -5.75 16.17
N PRO A 24 -16.85 -7.10 16.31
CA PRO A 24 -18.12 -7.83 16.18
C PRO A 24 -19.22 -7.38 17.14
N ASN A 25 -18.89 -7.04 18.39
CA ASN A 25 -19.97 -6.69 19.32
C ASN A 25 -20.11 -5.20 19.60
N ALA A 26 -19.87 -4.45 18.54
CA ALA A 26 -20.36 -3.10 18.40
C ALA A 26 -21.48 -3.26 17.37
N GLY A 27 -21.55 -4.46 16.78
CA GLY A 27 -22.53 -4.80 15.76
C GLY A 27 -23.95 -4.89 16.30
N GLN A 28 -24.12 -4.42 17.52
CA GLN A 28 -25.42 -4.32 18.20
C GLN A 28 -26.23 -5.60 18.35
N THR A 29 -27.50 -5.60 17.96
CA THR A 29 -28.45 -6.52 18.57
C THR A 29 -28.98 -7.69 17.73
N GLU A 30 -29.04 -7.51 16.41
CA GLU A 30 -29.72 -8.48 15.56
C GLU A 30 -29.01 -9.84 15.42
N ASN A 31 -29.76 -10.92 15.58
CA ASN A 31 -29.27 -12.25 15.24
C ASN A 31 -29.22 -12.41 13.72
N THR A 32 -28.17 -13.03 13.21
CA THR A 32 -27.97 -13.15 11.77
C THR A 32 -27.67 -14.60 11.38
N ILE A 33 -27.67 -14.88 10.09
CA ILE A 33 -27.32 -16.22 9.62
C ILE A 33 -25.87 -16.23 9.16
N VAL A 34 -25.33 -15.04 8.93
CA VAL A 34 -23.95 -14.91 8.50
C VAL A 34 -23.14 -14.46 9.70
N PRO A 35 -21.99 -15.10 9.95
CA PRO A 35 -21.16 -14.56 11.02
C PRO A 35 -20.66 -13.16 10.68
N PHE A 36 -20.20 -12.46 11.70
CA PHE A 36 -19.55 -11.19 11.50
C PHE A 36 -18.17 -11.49 10.91
N VAL A 37 -17.80 -10.77 9.87
CA VAL A 37 -16.53 -11.05 9.21
C VAL A 37 -15.65 -9.81 9.16
N THR A 38 -14.46 -9.92 9.75
CA THR A 38 -13.49 -8.85 9.59
C THR A 38 -12.39 -9.31 8.66
N LEU A 39 -12.05 -8.43 7.73
CA LEU A 39 -10.98 -8.69 6.78
C LEU A 39 -9.81 -7.85 7.25
N THR A 40 -8.70 -8.49 7.60
CA THR A 40 -7.59 -7.76 8.21
C THR A 40 -6.22 -8.24 7.76
N TYR A 41 -5.36 -7.29 7.39
CA TYR A 41 -4.02 -7.63 6.91
C TYR A 41 -3.02 -6.48 7.08
N ALA A 42 -1.74 -6.83 6.98
CA ALA A 42 -0.66 -5.89 7.21
C ALA A 42 0.14 -5.81 5.92
N GLN A 43 0.37 -4.60 5.42
CA GLN A 43 1.05 -4.47 4.14
C GLN A 43 2.12 -3.38 4.15
N SER A 44 3.02 -3.48 3.19
CA SER A 44 4.01 -2.45 2.91
C SER A 44 3.35 -1.27 2.16
N LEU A 45 4.13 -0.20 1.95
CA LEU A 45 3.66 0.93 1.15
C LEU A 45 3.31 0.51 -0.27
N ASP A 46 4.03 -0.49 -0.80
CA ASP A 46 3.69 -1.00 -2.15
C ASP A 46 2.67 -2.13 -2.13
N ALA A 47 1.84 -2.12 -1.10
CA ALA A 47 0.72 -3.04 -0.96
C ALA A 47 1.17 -4.51 -1.03
N ARG A 48 2.34 -4.81 -0.47
CA ARG A 48 2.76 -6.19 -0.45
C ARG A 48 2.62 -6.80 0.95
N VAL A 49 2.25 -8.07 1.01
CA VAL A 49 2.01 -8.72 2.28
C VAL A 49 3.09 -9.78 2.57
N SER A 50 3.85 -10.14 1.55
CA SER A 50 4.93 -11.12 1.71
C SER A 50 6.21 -10.67 1.00
N ARG A 51 7.36 -11.10 1.52
CA ARG A 51 8.66 -10.60 1.06
C ARG A 51 8.98 -11.01 -0.38
N GLY A 52 9.75 -10.18 -1.08
CA GLY A 52 10.08 -10.43 -2.47
C GLY A 52 11.53 -10.81 -2.67
N PRO A 62 6.14 -3.47 16.11
CA PRO A 62 5.76 -4.19 17.33
C PRO A 62 4.37 -3.80 17.82
N GLU A 63 3.90 -2.61 17.43
CA GLU A 63 2.57 -2.15 17.85
C GLU A 63 1.45 -2.90 17.14
N THR A 64 1.67 -3.24 15.88
CA THR A 64 0.64 -3.84 15.06
C THR A 64 0.43 -5.28 15.43
N LYS A 65 1.51 -5.94 15.84
CA LYS A 65 1.43 -7.34 16.22
C LYS A 65 0.48 -7.48 17.39
N THR A 66 0.61 -6.57 18.35
CA THR A 66 -0.25 -6.57 19.53
C THR A 66 -1.69 -6.33 19.13
N MET A 67 -1.89 -5.42 18.18
CA MET A 67 -3.21 -5.12 17.70
C MET A 67 -3.87 -6.35 17.11
N THR A 68 -3.11 -7.07 16.29
CA THR A 68 -3.58 -8.32 15.69
C THR A 68 -4.10 -9.26 16.76
N HIS A 69 -3.31 -9.45 17.81
CA HIS A 69 -3.74 -10.29 18.92
C HIS A 69 -4.99 -9.81 19.66
N TYR A 70 -5.09 -8.50 19.89
CA TYR A 70 -6.29 -7.90 20.47
C TYR A 70 -7.52 -8.22 19.57
N LEU A 71 -7.31 -8.14 18.27
CA LEU A 71 -8.35 -8.45 17.29
C LEU A 71 -8.76 -9.92 17.37
N ARG A 72 -7.77 -10.80 17.41
CA ARG A 72 -8.00 -12.25 17.55
C ARG A 72 -8.82 -12.58 18.80
N HIS A 73 -8.59 -11.80 19.85
CA HIS A 73 -9.29 -12.02 21.11
C HIS A 73 -10.80 -11.77 20.97
N HIS A 74 -11.19 -11.01 19.95
CA HIS A 74 -12.61 -10.64 19.78
C HIS A 74 -13.38 -11.42 18.72
N HIS A 75 -12.79 -12.51 18.23
CA HIS A 75 -13.42 -13.30 17.16
C HIS A 75 -13.44 -14.75 17.55
N ASP A 76 -14.50 -15.47 17.16
CA ASP A 76 -14.58 -16.91 17.46
C ASP A 76 -13.60 -17.67 16.59
N GLY A 77 -13.34 -17.16 15.38
CA GLY A 77 -12.53 -17.88 14.42
C GLY A 77 -11.51 -16.99 13.73
N ILE A 78 -10.40 -17.59 13.31
CA ILE A 78 -9.38 -16.90 12.51
C ILE A 78 -9.11 -17.70 11.23
N LEU A 79 -9.38 -17.10 10.08
CA LEU A 79 -9.32 -17.80 8.81
C LEU A 79 -8.07 -17.46 8.00
N VAL A 80 -7.40 -18.49 7.52
CA VAL A 80 -6.29 -18.33 6.57
C VAL A 80 -6.41 -19.37 5.43
N GLY A 81 -5.96 -19.00 4.23
CA GLY A 81 -5.86 -19.95 3.14
C GLY A 81 -4.69 -20.87 3.42
N SER A 82 -4.73 -22.11 2.94
CA SER A 82 -3.55 -22.95 3.00
C SER A 82 -2.56 -22.32 2.02
N GLY A 83 -1.28 -22.50 2.27
CA GLY A 83 -0.28 -21.77 1.54
C GLY A 83 0.37 -20.79 2.50
N THR A 84 -0.44 -19.95 3.13
CA THR A 84 0.07 -19.09 4.18
C THR A 84 0.36 -19.94 5.42
N VAL A 85 -0.42 -21.00 5.59
CA VAL A 85 -0.18 -21.95 6.68
C VAL A 85 1.00 -22.83 6.31
N LEU A 86 1.13 -23.10 5.02
CA LEU A 86 2.20 -23.95 4.52
C LEU A 86 3.53 -23.19 4.49
N ALA A 87 3.46 -21.88 4.24
CA ALA A 87 4.65 -21.03 4.22
C ALA A 87 5.14 -20.78 5.64
N ASP A 88 4.64 -19.72 6.25
CA ASP A 88 4.87 -19.53 7.68
C ASP A 88 4.10 -20.64 8.37
N ASN A 89 4.64 -21.16 9.46
CA ASN A 89 4.02 -22.24 10.24
C ASN A 89 3.35 -21.62 11.47
N PRO A 90 2.22 -20.94 11.28
CA PRO A 90 1.75 -19.97 12.27
C PRO A 90 0.97 -20.60 13.41
N GLY A 91 1.06 -19.98 14.59
CA GLY A 91 0.31 -20.39 15.74
C GLY A 91 -1.17 -20.10 15.54
N LEU A 92 -1.46 -18.87 15.12
CA LEU A 92 -2.84 -18.42 14.89
C LEU A 92 -3.66 -18.38 16.17
N ASN A 93 -2.98 -18.46 17.32
CA ASN A 93 -3.65 -18.34 18.62
C ASN A 93 -3.61 -16.89 19.13
N CYS A 94 -4.26 -16.64 20.27
CA CYS A 94 -4.32 -15.29 20.84
C CYS A 94 -3.42 -15.08 22.05
N LYS A 95 -2.87 -13.87 22.16
CA LYS A 95 -2.36 -13.35 23.43
C LYS A 95 -3.03 -11.99 23.70
N TRP A 96 -3.33 -11.69 24.96
CA TRP A 96 -3.95 -10.43 25.35
C TRP A 96 -3.39 -9.21 24.63
N GLY A 97 -4.28 -8.36 24.13
CA GLY A 97 -3.87 -7.10 23.56
C GLY A 97 -3.96 -6.02 24.62
N ASN A 103 -11.90 -17.62 24.83
CA ASN A 103 -10.47 -17.75 24.97
C ASN A 103 -9.76 -17.35 23.68
N SER A 104 -9.08 -18.30 23.06
CA SER A 104 -8.40 -18.03 21.79
C SER A 104 -9.30 -18.46 20.64
N PRO A 105 -9.16 -17.82 19.49
CA PRO A 105 -10.08 -18.17 18.42
C PRO A 105 -9.72 -19.51 17.83
N ARG A 106 -10.69 -20.13 17.18
CA ARG A 106 -10.48 -21.39 16.52
C ARG A 106 -9.85 -21.13 15.13
N PRO A 107 -8.73 -21.79 14.83
CA PRO A 107 -8.11 -21.69 13.49
C PRO A 107 -8.98 -22.36 12.42
N ILE A 108 -9.12 -21.69 11.29
CA ILE A 108 -9.93 -22.15 10.17
C ILE A 108 -9.02 -22.07 8.94
N ILE A 109 -8.71 -23.22 8.35
CA ILE A 109 -7.72 -23.29 7.25
C ILE A 109 -8.47 -23.66 5.98
N ILE A 110 -8.31 -22.88 4.92
CA ILE A 110 -8.91 -23.26 3.63
C ILE A 110 -7.93 -24.19 2.95
N ASP A 111 -8.35 -25.41 2.65
CA ASP A 111 -7.44 -26.45 2.14
C ASP A 111 -8.15 -27.33 1.11
N THR A 112 -8.59 -26.71 0.04
CA THR A 112 -9.37 -27.40 -0.99
C THR A 112 -8.58 -28.54 -1.65
N LYS A 113 -7.26 -28.43 -1.61
CA LYS A 113 -6.41 -29.49 -2.15
C LYS A 113 -6.04 -30.56 -1.10
N GLN A 114 -6.50 -30.35 0.14
CA GLN A 114 -6.30 -31.33 1.21
C GLN A 114 -4.84 -31.72 1.34
N LYS A 115 -3.98 -30.72 1.35
CA LYS A 115 -2.55 -30.97 1.39
C LYS A 115 -1.93 -30.50 2.70
N TRP A 116 -2.67 -29.70 3.47
CA TRP A 116 -2.18 -29.29 4.80
C TRP A 116 -2.33 -30.40 5.84
N ARG A 117 -1.36 -30.53 6.73
CA ARG A 117 -1.40 -31.56 7.76
C ARG A 117 -1.29 -30.97 9.17
N PHE A 118 -2.26 -31.28 10.03
CA PHE A 118 -2.28 -30.83 11.41
C PHE A 118 -1.19 -31.53 12.23
N ASP A 119 -1.07 -32.82 12.02
CA ASP A 119 -0.06 -33.63 12.70
C ASP A 119 1.32 -33.04 12.43
N GLY A 120 2.01 -32.63 13.49
CA GLY A 120 3.35 -32.10 13.37
C GLY A 120 3.45 -30.59 13.25
N SER A 121 2.31 -29.92 13.09
CA SER A 121 2.32 -28.46 12.97
C SER A 121 2.51 -27.76 14.32
N LYS A 122 2.79 -26.46 14.24
CA LYS A 122 2.88 -25.59 15.40
C LYS A 122 1.52 -25.49 16.07
N MET A 123 0.48 -25.41 15.25
CA MET A 123 -0.88 -25.41 15.73
C MET A 123 -1.15 -26.64 16.62
N GLN A 124 -0.68 -27.80 16.18
CA GLN A 124 -0.84 -29.00 16.99
C GLN A 124 -0.02 -28.92 18.27
N GLU A 125 1.16 -28.29 18.20
CA GLU A 125 1.98 -28.13 19.39
C GLU A 125 1.23 -27.28 20.42
N LEU A 126 0.64 -26.17 19.97
CA LEU A 126 -0.13 -25.31 20.86
C LEU A 126 -1.38 -26.01 21.42
N PHE A 127 -1.98 -26.88 20.61
CA PHE A 127 -3.19 -27.59 20.99
C PHE A 127 -2.90 -28.57 22.13
N ILE A 128 -1.77 -29.27 22.02
CA ILE A 128 -1.38 -30.23 23.04
C ILE A 128 -1.02 -29.54 24.36
N LYS A 129 -0.38 -28.37 24.26
CA LYS A 129 -0.03 -27.60 25.45
C LYS A 129 -1.19 -26.73 25.95
N ARG A 130 -2.39 -27.03 25.49
CA ARG A 130 -3.60 -26.33 25.93
C ARG A 130 -3.49 -24.81 25.78
N GLN A 131 -2.72 -24.38 24.76
CA GLN A 131 -2.52 -22.97 24.51
C GLN A 131 -3.22 -22.52 23.22
N GLY A 132 -3.79 -23.47 22.50
CA GLY A 132 -4.52 -23.17 21.28
C GLY A 132 -5.61 -24.19 20.97
N LYS A 133 -6.49 -23.85 20.04
CA LYS A 133 -7.59 -24.74 19.69
C LYS A 133 -7.26 -25.61 18.47
N PRO A 134 -7.93 -26.76 18.33
CA PRO A 134 -7.72 -27.55 17.11
C PRO A 134 -8.43 -26.84 15.96
N PRO A 135 -7.97 -27.05 14.71
CA PRO A 135 -8.50 -26.32 13.56
C PRO A 135 -9.82 -26.85 13.01
N ILE A 136 -10.51 -25.97 12.29
CA ILE A 136 -11.53 -26.39 11.33
C ILE A 136 -10.89 -26.30 9.96
N VAL A 137 -10.91 -27.39 9.21
CA VAL A 137 -10.39 -27.41 7.84
C VAL A 137 -11.51 -27.37 6.81
N VAL A 138 -11.47 -26.37 5.96
CA VAL A 138 -12.45 -26.21 4.88
C VAL A 138 -12.03 -26.96 3.62
N VAL A 139 -12.86 -27.89 3.18
CA VAL A 139 -12.59 -28.65 1.96
C VAL A 139 -13.79 -28.49 1.01
N THR A 140 -13.63 -28.92 -0.22
CA THR A 140 -14.69 -28.76 -1.23
C THR A 140 -15.21 -30.11 -1.73
N SER A 141 -14.73 -31.18 -1.09
CA SER A 141 -15.19 -32.54 -1.37
C SER A 141 -14.96 -33.32 -0.09
N GLU A 142 -15.43 -34.57 -0.05
CA GLU A 142 -15.21 -35.44 1.10
C GLU A 142 -13.76 -35.39 1.57
N PRO A 143 -13.53 -35.20 2.88
CA PRO A 143 -12.17 -35.24 3.41
C PRO A 143 -11.61 -36.63 3.20
N ILE A 144 -10.43 -36.72 2.62
CA ILE A 144 -9.85 -38.04 2.27
C ILE A 144 -9.16 -38.68 3.47
N ILE A 145 -8.28 -37.93 4.12
CA ILE A 145 -7.67 -38.40 5.35
C ILE A 145 -8.01 -37.43 6.48
N LYS A 146 -8.97 -37.83 7.31
CA LYS A 146 -9.38 -37.01 8.44
C LYS A 146 -8.36 -37.21 9.55
N GLU A 147 -7.94 -36.13 10.20
CA GLU A 147 -7.01 -36.21 11.31
C GLU A 147 -7.74 -36.10 12.65
N GLN A 148 -7.19 -36.74 13.67
CA GLN A 148 -7.80 -36.70 15.00
C GLN A 148 -7.90 -35.27 15.52
N HIS A 149 -9.08 -34.94 16.03
CA HIS A 149 -9.38 -33.63 16.66
C HIS A 149 -9.59 -32.49 15.68
N VAL A 150 -9.51 -32.82 14.40
CA VAL A 150 -9.79 -31.82 13.36
C VAL A 150 -11.26 -31.91 12.91
N ASP A 151 -11.91 -30.76 12.78
CA ASP A 151 -13.26 -30.69 12.19
C ASP A 151 -13.16 -30.30 10.73
N TYR A 152 -13.97 -30.91 9.87
CA TYR A 152 -13.94 -30.59 8.46
C TYR A 152 -15.24 -29.97 8.01
N ALA A 153 -15.13 -28.89 7.24
CA ALA A 153 -16.30 -28.21 6.71
C ALA A 153 -16.32 -28.38 5.22
N ILE A 154 -17.30 -29.13 4.73
CA ILE A 154 -17.44 -29.34 3.31
C ILE A 154 -18.31 -28.28 2.65
N CYS A 155 -17.66 -27.34 1.97
CA CYS A 155 -18.36 -26.22 1.36
C CYS A 155 -18.50 -26.40 -0.14
N PRO A 156 -19.71 -26.13 -0.67
CA PRO A 156 -19.96 -26.24 -2.12
C PRO A 156 -19.03 -25.33 -2.91
N ILE A 157 -18.82 -25.65 -4.18
CA ILE A 157 -18.06 -24.78 -5.05
C ILE A 157 -19.03 -23.88 -5.80
N ASN A 158 -18.71 -22.59 -5.89
CA ASN A 158 -19.53 -21.69 -6.67
C ASN A 158 -19.43 -22.01 -8.16
N ASP A 159 -20.57 -22.30 -8.77
CA ASP A 159 -20.63 -22.75 -10.17
C ASP A 159 -20.18 -21.71 -11.20
N THR A 160 -20.01 -20.46 -10.75
CA THR A 160 -19.55 -19.40 -11.64
C THR A 160 -18.05 -19.17 -11.52
N THR A 161 -17.54 -19.15 -10.28
CA THR A 161 -16.13 -18.86 -10.05
C THR A 161 -15.24 -20.09 -10.16
N LYS A 162 -15.83 -21.28 -9.95
CA LYS A 162 -15.10 -22.54 -9.75
C LYS A 162 -14.33 -22.60 -8.41
N LEU A 163 -14.30 -21.48 -7.70
CA LEU A 163 -13.68 -21.42 -6.37
C LEU A 163 -14.72 -21.59 -5.27
N VAL A 164 -14.26 -21.69 -4.03
CA VAL A 164 -15.18 -21.93 -2.93
C VAL A 164 -16.24 -20.82 -2.80
N ASP A 165 -17.47 -21.22 -2.46
CA ASP A 165 -18.57 -20.27 -2.33
C ASP A 165 -18.46 -19.57 -0.96
N TRP A 166 -17.90 -18.37 -0.95
CA TRP A 166 -17.63 -17.68 0.32
C TRP A 166 -18.87 -17.49 1.20
N LYS A 167 -20.00 -17.11 0.61
CA LYS A 167 -21.20 -16.90 1.41
C LYS A 167 -21.66 -18.16 2.13
N LYS A 168 -21.68 -19.27 1.40
CA LYS A 168 -22.10 -20.56 1.92
C LYS A 168 -21.12 -21.08 2.96
N LEU A 169 -19.83 -20.87 2.70
CA LEU A 169 -18.80 -21.23 3.68
C LEU A 169 -19.02 -20.52 5.03
N PHE A 170 -19.15 -19.20 5.03
CA PHE A 170 -19.36 -18.48 6.29
C PHE A 170 -20.65 -18.92 7.01
N GLU A 171 -21.73 -19.13 6.25
CA GLU A 171 -22.98 -19.65 6.82
C GLU A 171 -22.76 -21.00 7.50
N ILE A 172 -22.01 -21.88 6.84
CA ILE A 172 -21.71 -23.20 7.39
C ILE A 172 -20.87 -23.10 8.66
N LEU A 173 -19.88 -22.21 8.64
CA LEU A 173 -19.06 -22.00 9.82
C LEU A 173 -19.95 -21.59 11.00
N LYS A 174 -20.93 -20.75 10.72
CA LYS A 174 -21.78 -20.31 11.81
C LYS A 174 -22.80 -21.38 12.21
N GLU A 175 -23.45 -21.99 11.23
CA GLU A 175 -24.55 -22.93 11.51
C GLU A 175 -24.03 -24.25 12.05
N GLU A 176 -22.94 -24.75 11.48
CA GLU A 176 -22.44 -26.08 11.84
C GLU A 176 -21.37 -26.03 12.93
N PHE A 177 -20.58 -24.95 12.98
CA PHE A 177 -19.44 -24.94 13.88
C PHE A 177 -19.49 -23.86 14.95
N ASN A 178 -20.64 -23.20 15.04
CA ASN A 178 -20.88 -22.19 16.07
C ASN A 178 -19.81 -21.08 16.08
N ILE A 179 -19.33 -20.72 14.90
CA ILE A 179 -18.44 -19.58 14.75
C ILE A 179 -19.29 -18.33 14.47
N ARG A 180 -19.43 -17.46 15.47
CA ARG A 180 -20.26 -16.25 15.37
C ARG A 180 -19.53 -15.09 14.67
N SER A 181 -18.21 -15.14 14.67
CA SER A 181 -17.44 -14.05 14.07
C SER A 181 -16.12 -14.62 13.58
N VAL A 182 -15.60 -14.07 12.49
CA VAL A 182 -14.37 -14.61 11.95
C VAL A 182 -13.49 -13.49 11.42
N MET A 183 -12.22 -13.61 11.75
CA MET A 183 -11.22 -12.67 11.32
C MET A 183 -10.43 -13.35 10.20
N VAL A 184 -10.52 -12.85 8.96
CA VAL A 184 -9.68 -13.41 7.92
C VAL A 184 -8.40 -12.59 7.76
N GLU A 185 -7.27 -13.28 7.84
CA GLU A 185 -6.00 -12.59 7.92
C GLU A 185 -5.14 -12.82 6.69
N GLY A 186 -5.43 -13.89 5.97
CA GLY A 186 -4.37 -14.46 5.17
C GLY A 186 -4.77 -15.18 3.92
N GLY A 187 -3.81 -15.13 2.99
CA GLY A 187 -4.03 -15.35 1.61
C GLY A 187 -4.24 -13.98 0.98
N ALA A 188 -3.26 -13.49 0.22
CA ALA A 188 -3.49 -12.34 -0.63
C ALA A 188 -4.67 -12.72 -1.53
N ASN A 189 -4.61 -13.95 -2.02
CA ASN A 189 -5.64 -14.54 -2.84
C ASN A 189 -7.01 -14.51 -2.15
N VAL A 190 -7.04 -14.84 -0.88
CA VAL A 190 -8.29 -14.74 -0.14
C VAL A 190 -8.73 -13.26 -0.02
N ILE A 191 -7.82 -12.40 0.44
CA ILE A 191 -8.13 -10.98 0.57
C ILE A 191 -8.66 -10.42 -0.75
N ASN A 192 -7.97 -10.73 -1.84
CA ASN A 192 -8.32 -10.18 -3.16
C ASN A 192 -9.75 -10.52 -3.59
N GLN A 193 -10.25 -11.65 -3.15
CA GLN A 193 -11.63 -12.07 -3.45
C GLN A 193 -12.62 -11.36 -2.53
N LEU A 194 -12.35 -11.40 -1.23
CA LEU A 194 -13.30 -10.89 -0.24
C LEU A 194 -13.46 -9.37 -0.32
N LEU A 195 -12.44 -8.68 -0.81
CA LEU A 195 -12.47 -7.23 -0.99
C LEU A 195 -13.65 -6.85 -1.92
N LEU A 196 -14.08 -7.79 -2.74
CA LEU A 196 -15.20 -7.56 -3.66
C LEU A 196 -16.54 -7.93 -3.06
N ARG A 197 -16.56 -8.38 -1.81
CA ARG A 197 -17.81 -8.93 -1.29
C ARG A 197 -18.42 -8.09 -0.18
N SER A 198 -19.02 -6.97 -0.57
CA SER A 198 -19.66 -6.07 0.39
C SER A 198 -20.84 -6.73 1.10
N ASP A 199 -21.31 -7.86 0.56
CA ASP A 199 -22.40 -8.60 1.19
C ASP A 199 -21.88 -9.53 2.29
N ILE A 200 -20.57 -9.67 2.39
CA ILE A 200 -19.97 -10.59 3.35
C ILE A 200 -19.14 -9.87 4.41
N VAL A 201 -18.29 -8.95 3.98
CA VAL A 201 -17.34 -8.32 4.88
C VAL A 201 -17.99 -7.19 5.68
N ASN A 202 -17.82 -7.23 7.01
CA ASN A 202 -18.40 -6.25 7.91
C ASN A 202 -17.41 -5.13 8.23
N SER A 203 -16.14 -5.49 8.34
CA SER A 203 -15.10 -4.54 8.67
C SER A 203 -13.81 -4.86 7.92
N LEU A 204 -13.15 -3.80 7.49
CA LEU A 204 -11.86 -3.88 6.81
C LEU A 204 -10.85 -3.14 7.69
N ILE A 205 -9.80 -3.84 8.09
CA ILE A 205 -8.81 -3.27 8.99
C ILE A 205 -7.40 -3.53 8.46
N ILE A 206 -6.71 -2.47 8.07
CA ILE A 206 -5.48 -2.65 7.29
C ILE A 206 -4.39 -1.89 7.97
N THR A 207 -3.24 -2.55 8.17
CA THR A 207 -2.07 -1.85 8.69
C THR A 207 -1.12 -1.57 7.54
N ILE A 208 -0.54 -0.38 7.50
CA ILE A 208 0.43 -0.06 6.44
C ILE A 208 1.76 0.32 7.08
N GLY A 209 2.81 -0.44 6.78
CA GLY A 209 4.12 -0.14 7.36
C GLY A 209 4.85 0.86 6.47
N SER A 210 5.77 1.63 7.05
CA SER A 210 6.61 2.52 6.27
C SER A 210 7.85 1.83 5.69
N THR A 211 7.61 0.97 4.71
CA THR A 211 8.66 0.23 4.06
C THR A 211 8.15 -0.23 2.70
N PHE A 212 9.06 -0.46 1.76
CA PHE A 212 8.76 -1.11 0.48
C PHE A 212 9.28 -2.53 0.48
N LEU A 213 8.43 -3.50 0.17
CA LEU A 213 8.89 -4.88 0.09
C LEU A 213 9.44 -5.22 -1.29
N GLY A 214 9.09 -4.43 -2.28
CA GLY A 214 9.60 -4.66 -3.63
C GLY A 214 8.61 -5.46 -4.45
N SER A 215 8.67 -5.27 -5.76
CA SER A 215 7.60 -5.72 -6.66
C SER A 215 7.52 -7.24 -6.79
N SER A 216 8.55 -7.95 -6.33
CA SER A 216 8.55 -9.40 -6.34
C SER A 216 7.64 -9.98 -5.28
N GLY A 217 7.35 -9.18 -4.25
CA GLY A 217 6.53 -9.65 -3.16
C GLY A 217 5.10 -9.83 -3.61
N THR A 218 4.32 -10.59 -2.84
CA THR A 218 2.93 -10.83 -3.22
C THR A 218 2.00 -9.72 -2.76
N GLU A 219 1.26 -9.17 -3.70
CA GLU A 219 0.47 -7.97 -3.46
C GLU A 219 -1.00 -8.20 -3.13
N VAL A 220 -1.60 -7.24 -2.46
CA VAL A 220 -3.04 -7.23 -2.26
C VAL A 220 -3.66 -6.09 -3.07
N SER A 221 -4.37 -6.47 -4.12
CA SER A 221 -5.07 -5.52 -4.97
C SER A 221 -6.20 -6.30 -5.61
N PRO A 222 -7.44 -5.84 -5.42
CA PRO A 222 -8.55 -6.59 -5.99
C PRO A 222 -8.55 -6.40 -7.51
N PRO A 223 -9.26 -7.25 -8.26
CA PRO A 223 -9.23 -7.20 -9.73
C PRO A 223 -10.01 -6.02 -10.30
N GLN A 224 -10.81 -5.38 -9.46
CA GLN A 224 -11.65 -4.27 -9.86
C GLN A 224 -11.55 -3.21 -8.78
N THR A 225 -11.96 -1.99 -9.10
CA THR A 225 -11.90 -0.94 -8.10
C THR A 225 -12.87 -1.27 -6.96
N VAL A 226 -12.48 -0.88 -5.76
CA VAL A 226 -13.31 -1.10 -4.58
C VAL A 226 -13.39 0.23 -3.85
N ASN A 227 -14.60 0.67 -3.60
CA ASN A 227 -14.82 1.88 -2.82
C ASN A 227 -15.10 1.53 -1.37
N LEU A 228 -14.72 2.43 -0.47
CA LEU A 228 -14.78 2.19 0.95
C LEU A 228 -15.68 3.24 1.56
N LYS A 229 -16.21 2.99 2.76
CA LYS A 229 -16.96 4.02 3.47
C LYS A 229 -16.61 3.93 4.94
N ASP A 230 -17.09 4.91 5.70
CA ASP A 230 -16.90 4.93 7.15
C ASP A 230 -15.44 4.80 7.56
N MET A 231 -14.54 5.43 6.82
CA MET A 231 -13.14 5.24 7.11
C MET A 231 -12.71 6.05 8.35
N SER A 232 -11.81 5.45 9.12
CA SER A 232 -11.13 6.15 10.19
C SER A 232 -9.66 5.70 10.22
N TRP A 233 -8.75 6.66 10.31
CA TRP A 233 -7.31 6.36 10.33
C TRP A 233 -6.71 6.45 11.73
N TRP A 234 -5.71 5.64 12.00
CA TRP A 234 -4.98 5.71 13.26
C TRP A 234 -3.50 5.80 12.92
N LYS A 235 -2.73 6.58 13.66
CA LYS A 235 -1.32 6.66 13.30
C LYS A 235 -0.43 6.32 14.46
N GLY A 236 0.56 5.49 14.19
CA GLY A 236 1.63 5.27 15.15
C GLY A 236 2.87 6.00 14.68
N ILE A 237 4.00 5.54 15.18
CA ILE A 237 5.28 6.12 14.85
C ILE A 237 5.75 5.66 13.47
N THR A 238 5.68 4.37 13.21
CA THR A 238 6.15 3.86 11.93
C THR A 238 5.00 3.40 11.03
N ASP A 239 3.85 3.15 11.63
CA ASP A 239 2.73 2.58 10.90
C ASP A 239 1.47 3.43 10.99
N VAL A 240 0.52 3.10 10.15
CA VAL A 240 -0.78 3.72 10.20
C VAL A 240 -1.75 2.53 10.10
N VAL A 241 -2.97 2.68 10.61
CA VAL A 241 -3.98 1.65 10.45
C VAL A 241 -5.28 2.26 9.94
N LEU A 242 -5.90 1.60 8.97
CA LEU A 242 -7.17 2.08 8.43
C LEU A 242 -8.27 1.14 8.88
N CYS A 243 -9.31 1.68 9.50
CA CYS A 243 -10.56 0.94 9.66
C CYS A 243 -11.60 1.46 8.69
N ALA A 244 -12.25 0.55 7.98
CA ALA A 244 -13.29 1.01 7.07
C ALA A 244 -14.34 -0.06 6.86
N ARG A 245 -15.34 0.27 6.04
CA ARG A 245 -16.28 -0.72 5.58
C ARG A 245 -16.38 -0.69 4.06
N LEU A 246 -16.86 -1.77 3.48
CA LEU A 246 -16.98 -1.86 2.04
C LEU A 246 -18.19 -1.07 1.54
N ALA A 247 -17.98 -0.22 0.53
CA ALA A 247 -19.07 0.52 -0.08
C ALA A 247 -19.85 -0.39 -1.03
N GLU B 13 -3.35 23.30 6.69
CA GLU B 13 -4.03 23.07 7.97
C GLU B 13 -3.01 23.05 9.12
N ASP B 14 -2.72 21.87 9.64
CA ASP B 14 -1.57 21.64 10.51
C ASP B 14 -0.50 21.05 9.61
N LEU B 15 -0.88 20.91 8.35
CA LEU B 15 -0.05 20.34 7.31
C LEU B 15 1.27 21.11 7.04
N PRO B 16 1.24 22.46 7.08
CA PRO B 16 2.52 23.17 6.95
C PRO B 16 3.56 22.83 8.02
N GLN B 17 3.14 22.74 9.27
CA GLN B 17 4.05 22.35 10.35
C GLN B 17 4.52 20.90 10.16
N PHE B 18 3.63 20.08 9.62
CA PHE B 18 3.99 18.68 9.35
C PHE B 18 5.07 18.55 8.26
N LEU B 19 4.93 19.32 7.19
CA LEU B 19 5.83 19.21 6.04
C LEU B 19 7.19 19.87 6.27
N GLN B 20 7.23 20.84 7.19
CA GLN B 20 8.36 21.76 7.34
C GLN B 20 9.75 21.13 7.35
N ASN B 21 9.91 20.01 8.04
CA ASN B 21 11.23 19.38 8.19
C ASN B 21 11.66 18.62 6.94
N TYR B 22 10.74 18.47 6.00
CA TYR B 22 11.01 17.69 4.81
C TYR B 22 11.09 18.57 3.58
N LEU B 23 10.87 19.87 3.77
CA LEU B 23 10.99 20.84 2.69
C LEU B 23 12.45 21.07 2.36
N PRO B 24 12.74 21.52 1.12
CA PRO B 24 14.13 21.83 0.77
C PRO B 24 14.77 22.74 1.83
N ASN B 25 15.95 22.37 2.27
CA ASN B 25 16.65 23.15 3.27
C ASN B 25 17.84 23.83 2.63
N ALA B 26 17.83 25.17 2.62
CA ALA B 26 18.81 25.97 1.90
C ALA B 26 20.23 25.52 2.21
N GLY B 27 20.65 25.77 3.44
CA GLY B 27 21.96 25.33 3.89
C GLY B 27 21.96 23.83 4.08
N GLN B 28 22.17 23.10 3.00
CA GLN B 28 22.26 21.65 3.03
C GLN B 28 22.72 21.20 1.64
N THR B 29 22.17 21.83 0.61
CA THR B 29 22.67 21.64 -0.74
C THR B 29 23.55 22.79 -1.23
N GLU B 30 23.58 23.88 -0.46
CA GLU B 30 24.45 25.00 -0.82
C GLU B 30 25.92 24.59 -0.68
N ASN B 31 26.73 25.02 -1.64
CA ASN B 31 28.09 24.52 -1.80
C ASN B 31 28.16 23.02 -2.11
N THR B 32 27.11 22.54 -2.77
CA THR B 32 27.16 21.24 -3.45
C THR B 32 26.68 21.51 -4.87
N ILE B 33 26.87 20.54 -5.76
CA ILE B 33 26.43 20.73 -7.13
C ILE B 33 25.16 19.95 -7.42
N VAL B 34 24.60 19.30 -6.39
CA VAL B 34 23.31 18.64 -6.55
C VAL B 34 22.19 19.46 -5.94
N PRO B 35 20.99 19.38 -6.52
CA PRO B 35 19.88 20.08 -5.89
C PRO B 35 19.24 19.18 -4.85
N PHE B 36 18.44 19.77 -3.97
CA PHE B 36 17.54 19.01 -3.13
C PHE B 36 16.52 18.27 -4.00
N VAL B 37 16.34 16.98 -3.76
CA VAL B 37 15.37 16.20 -4.54
C VAL B 37 14.26 15.61 -3.66
N THR B 38 13.02 16.03 -3.91
CA THR B 38 11.87 15.42 -3.25
C THR B 38 11.14 14.50 -4.22
N LEU B 39 10.79 13.33 -3.71
CA LEU B 39 10.06 12.34 -4.47
C LEU B 39 8.67 12.33 -3.91
N THR B 40 7.67 12.60 -4.74
CA THR B 40 6.32 12.68 -4.20
C THR B 40 5.24 12.21 -5.15
N TYR B 41 4.23 11.56 -4.58
CA TYR B 41 3.15 11.00 -5.37
C TYR B 41 1.94 10.64 -4.51
N ALA B 42 0.85 10.34 -5.19
CA ALA B 42 -0.43 10.04 -4.56
C ALA B 42 -0.86 8.66 -5.02
N GLN B 43 -1.10 7.76 -4.09
CA GLN B 43 -1.46 6.40 -4.46
C GLN B 43 -2.70 5.94 -3.73
N SER B 44 -3.25 4.82 -4.19
CA SER B 44 -4.41 4.22 -3.56
C SER B 44 -3.87 3.24 -2.51
N LEU B 45 -4.76 2.55 -1.82
CA LEU B 45 -4.36 1.55 -0.84
C LEU B 45 -3.55 0.45 -1.49
N ASP B 46 -3.93 0.10 -2.73
CA ASP B 46 -3.17 -0.91 -3.44
C ASP B 46 -2.00 -0.35 -4.29
N ALA B 47 -1.42 0.76 -3.84
CA ALA B 47 -0.17 1.29 -4.38
C ALA B 47 -0.26 1.64 -5.86
N ARG B 48 -1.43 2.07 -6.29
CA ARG B 48 -1.62 2.45 -7.67
C ARG B 48 -1.71 3.97 -7.85
N VAL B 49 -1.10 4.47 -8.93
CA VAL B 49 -1.13 5.91 -9.18
C VAL B 49 -2.06 6.27 -10.34
N SER B 50 -2.54 5.25 -11.04
CA SER B 50 -3.57 5.40 -12.07
C SER B 50 -4.36 4.10 -12.17
N ARG B 51 -5.27 4.00 -13.13
CA ARG B 51 -6.09 2.80 -13.22
C ARG B 51 -5.93 2.03 -14.53
N GLY B 52 -6.79 1.01 -14.72
CA GLY B 52 -6.77 0.19 -15.91
C GLY B 52 -8.16 -0.15 -16.43
N PRO B 62 -8.05 16.00 -2.97
CA PRO B 62 -9.13 16.35 -2.04
C PRO B 62 -9.09 15.50 -0.77
N GLU B 63 -8.36 15.97 0.24
CA GLU B 63 -7.63 17.23 0.14
C GLU B 63 -6.14 17.02 -0.13
N THR B 64 -5.74 17.20 -1.39
CA THR B 64 -4.34 17.07 -1.77
C THR B 64 -3.93 18.22 -2.68
N LYS B 65 -4.89 19.00 -3.15
CA LYS B 65 -4.58 20.17 -3.95
C LYS B 65 -3.70 21.10 -3.14
N THR B 66 -4.22 21.55 -2.00
CA THR B 66 -3.51 22.49 -1.13
C THR B 66 -2.06 22.06 -0.87
N MET B 67 -1.86 20.80 -0.51
CA MET B 67 -0.52 20.31 -0.20
C MET B 67 0.41 20.29 -1.41
N THR B 68 -0.08 19.79 -2.53
CA THR B 68 0.71 19.74 -3.75
C THR B 68 1.14 21.14 -4.18
N HIS B 69 0.18 22.05 -4.21
CA HIS B 69 0.51 23.42 -4.58
C HIS B 69 1.41 24.08 -3.55
N TYR B 70 1.24 23.73 -2.28
CA TYR B 70 2.15 24.24 -1.26
C TYR B 70 3.57 23.72 -1.52
N LEU B 71 3.67 22.44 -1.86
CA LEU B 71 4.97 21.80 -2.07
C LEU B 71 5.66 22.35 -3.32
N ARG B 72 4.87 22.54 -4.37
CA ARG B 72 5.39 23.03 -5.64
C ARG B 72 6.06 24.38 -5.51
N HIS B 73 5.45 25.25 -4.74
CA HIS B 73 5.97 26.60 -4.61
C HIS B 73 7.15 26.68 -3.66
N HIS B 74 7.55 25.54 -3.12
CA HIS B 74 8.77 25.45 -2.33
C HIS B 74 9.90 24.79 -3.11
N HIS B 75 9.64 24.47 -4.38
CA HIS B 75 10.68 23.91 -5.25
C HIS B 75 10.90 24.77 -6.49
N ASP B 76 12.14 24.81 -6.96
CA ASP B 76 12.48 25.51 -8.20
C ASP B 76 11.96 24.79 -9.43
N GLY B 77 12.12 23.47 -9.49
CA GLY B 77 11.64 22.73 -10.64
C GLY B 77 10.69 21.62 -10.23
N ILE B 78 9.83 21.21 -11.16
CA ILE B 78 9.02 20.02 -10.99
C ILE B 78 9.20 19.07 -12.18
N LEU B 79 9.63 17.85 -11.87
CA LEU B 79 9.84 16.83 -12.88
C LEU B 79 8.60 15.93 -12.99
N VAL B 80 8.01 15.89 -14.18
CA VAL B 80 6.75 15.16 -14.39
C VAL B 80 6.91 13.91 -15.25
N ASN B 103 8.00 31.37 -5.73
CA ASN B 103 7.33 31.57 -7.01
C ASN B 103 6.96 30.23 -7.62
N SER B 104 6.27 30.27 -8.77
CA SER B 104 5.90 29.06 -9.48
C SER B 104 7.15 28.28 -9.92
N PRO B 105 7.11 26.95 -9.82
CA PRO B 105 8.24 26.10 -10.20
C PRO B 105 8.34 25.94 -11.71
N ARG B 106 9.52 25.59 -12.20
CA ARG B 106 9.69 25.35 -13.62
C ARG B 106 9.42 23.87 -13.98
N PRO B 107 8.64 23.64 -15.04
CA PRO B 107 8.38 22.26 -15.48
C PRO B 107 9.63 21.63 -16.11
N ILE B 108 9.90 20.40 -15.73
CA ILE B 108 11.02 19.65 -16.31
C ILE B 108 10.48 18.37 -16.90
N ILE B 109 10.65 18.19 -18.19
CA ILE B 109 10.11 17.03 -18.91
C ILE B 109 11.21 16.15 -19.45
N ILE B 110 11.13 14.86 -19.15
CA ILE B 110 12.03 13.92 -19.82
C ILE B 110 11.42 13.56 -21.16
N ASP B 111 12.17 13.79 -22.23
CA ASP B 111 11.74 13.44 -23.57
C ASP B 111 12.93 12.92 -24.36
N THR B 112 13.49 11.81 -23.91
CA THR B 112 14.67 11.23 -24.52
C THR B 112 14.39 10.84 -25.97
N LYS B 113 13.20 10.32 -26.22
CA LYS B 113 12.82 9.87 -27.55
C LYS B 113 12.39 11.04 -28.44
N GLN B 114 12.39 12.24 -27.88
CA GLN B 114 12.08 13.48 -28.61
C GLN B 114 10.78 13.40 -29.42
N LYS B 115 9.65 13.56 -28.75
CA LYS B 115 8.37 13.53 -29.42
C LYS B 115 7.34 14.43 -28.75
N TRP B 116 7.75 15.08 -27.66
CA TRP B 116 6.90 16.05 -27.00
C TRP B 116 7.02 17.40 -27.69
N ARG B 117 6.05 18.28 -27.48
CA ARG B 117 6.08 19.60 -28.08
C ARG B 117 5.52 20.65 -27.12
N PHE B 118 6.15 21.82 -27.11
CA PHE B 118 5.71 22.92 -26.25
C PHE B 118 4.48 23.60 -26.86
N ASP B 119 4.58 23.99 -28.12
CA ASP B 119 3.45 24.60 -28.83
C ASP B 119 2.24 23.69 -28.78
N GLY B 120 1.12 24.24 -28.31
CA GLY B 120 -0.10 23.47 -28.21
C GLY B 120 -0.09 22.56 -27.00
N SER B 121 0.34 23.09 -25.87
CA SER B 121 0.29 22.37 -24.61
C SER B 121 -0.46 23.21 -23.59
N LYS B 122 -0.99 22.56 -22.56
CA LYS B 122 -1.58 23.26 -21.44
C LYS B 122 -0.54 24.22 -20.89
N MET B 123 0.67 23.68 -20.72
CA MET B 123 1.85 24.42 -20.30
C MET B 123 2.10 25.68 -21.13
N GLN B 124 2.04 25.52 -22.45
CA GLN B 124 2.23 26.63 -23.39
C GLN B 124 1.22 27.74 -23.16
N GLU B 125 -0.03 27.37 -22.92
CA GLU B 125 -1.09 28.35 -22.71
C GLU B 125 -0.91 29.03 -21.35
N LEU B 126 -0.61 28.25 -20.33
CA LEU B 126 -0.36 28.77 -18.99
C LEU B 126 0.77 29.79 -19.00
N PHE B 127 1.80 29.50 -19.80
CA PHE B 127 2.92 30.41 -19.98
C PHE B 127 2.45 31.74 -20.58
N ILE B 128 1.57 31.66 -21.56
CA ILE B 128 1.10 32.85 -22.28
C ILE B 128 0.37 33.86 -21.38
N LYS B 129 -0.40 33.33 -20.42
CA LYS B 129 -1.24 34.17 -19.57
C LYS B 129 -0.57 34.66 -18.29
N ARG B 130 0.77 34.63 -18.25
CA ARG B 130 1.54 35.18 -17.13
C ARG B 130 1.42 34.41 -15.80
N GLN B 131 1.06 33.12 -15.86
CA GLN B 131 1.09 32.29 -14.66
C GLN B 131 1.52 30.85 -14.94
N GLY B 132 2.81 30.68 -15.20
CA GLY B 132 3.37 29.39 -15.54
C GLY B 132 4.65 29.60 -16.33
N LYS B 133 5.70 28.91 -15.94
CA LYS B 133 7.00 29.04 -16.59
C LYS B 133 7.10 28.11 -17.80
N PRO B 134 8.03 28.40 -18.74
CA PRO B 134 8.28 27.47 -19.85
C PRO B 134 9.15 26.31 -19.39
N PRO B 135 9.14 25.18 -20.11
CA PRO B 135 9.81 23.96 -19.64
C PRO B 135 11.30 23.88 -19.91
N ILE B 136 11.96 23.12 -19.06
CA ILE B 136 13.25 22.52 -19.35
C ILE B 136 12.99 21.12 -19.89
N VAL B 137 13.49 20.85 -21.08
CA VAL B 137 13.26 19.54 -21.70
C VAL B 137 14.54 18.72 -21.69
N VAL B 138 14.46 17.54 -21.07
CA VAL B 138 15.64 16.68 -20.92
C VAL B 138 15.82 15.73 -22.09
N VAL B 139 16.94 15.86 -22.78
CA VAL B 139 17.20 15.06 -23.97
C VAL B 139 18.59 14.43 -23.92
N THR B 140 18.83 13.49 -24.83
CA THR B 140 20.10 12.77 -24.85
C THR B 140 21.03 13.33 -25.91
N SER B 141 20.45 14.03 -26.89
CA SER B 141 21.23 14.69 -27.91
C SER B 141 20.58 16.01 -28.31
N GLU B 142 21.37 16.91 -28.89
CA GLU B 142 20.87 18.19 -29.35
C GLU B 142 19.84 18.03 -30.45
N PRO B 143 18.60 18.48 -30.20
CA PRO B 143 17.53 18.40 -31.21
C PRO B 143 17.82 19.27 -32.42
N ILE B 144 17.50 18.77 -33.61
CA ILE B 144 17.70 19.56 -34.81
C ILE B 144 16.76 20.77 -34.81
N ILE B 145 15.51 20.54 -34.39
CA ILE B 145 14.51 21.62 -34.35
C ILE B 145 14.06 21.95 -32.92
N LYS B 146 14.30 23.20 -32.50
CA LYS B 146 14.01 23.64 -31.13
C LYS B 146 12.83 24.62 -31.11
N GLU B 147 12.16 24.72 -29.97
CA GLU B 147 11.02 25.63 -29.84
C GLU B 147 11.40 26.84 -29.02
N GLN B 148 10.70 27.95 -29.26
CA GLN B 148 10.91 29.16 -28.47
C GLN B 148 10.65 28.92 -27.00
N HIS B 149 11.37 29.65 -26.14
CA HIS B 149 11.20 29.60 -24.67
C HIS B 149 11.65 28.30 -23.99
N VAL B 150 11.81 27.24 -24.77
CA VAL B 150 12.17 25.94 -24.25
C VAL B 150 13.69 25.80 -24.04
N ASP B 151 14.07 25.32 -22.86
CA ASP B 151 15.46 25.01 -22.60
C ASP B 151 15.75 23.53 -22.76
N TYR B 152 16.85 23.18 -23.40
CA TYR B 152 17.19 21.78 -23.57
C TYR B 152 18.40 21.34 -22.73
N ALA B 153 18.19 20.32 -21.91
CA ALA B 153 19.28 19.78 -21.11
C ALA B 153 19.73 18.45 -21.69
N ILE B 154 20.92 18.47 -22.27
CA ILE B 154 21.48 17.29 -22.89
C ILE B 154 22.12 16.41 -21.83
N CYS B 155 21.43 15.35 -21.45
CA CYS B 155 21.99 14.43 -20.49
C CYS B 155 22.35 13.10 -21.15
N PRO B 156 23.65 12.77 -21.14
CA PRO B 156 24.12 11.52 -21.72
C PRO B 156 23.52 10.34 -20.97
N ILE B 157 22.90 9.42 -21.71
CA ILE B 157 22.39 8.18 -21.15
C ILE B 157 23.52 7.44 -20.44
N ASN B 158 23.21 6.90 -19.26
CA ASN B 158 24.19 6.18 -18.45
C ASN B 158 24.83 5.01 -19.20
N ASP B 159 26.14 4.86 -19.00
CA ASP B 159 26.92 3.83 -19.69
C ASP B 159 26.43 2.42 -19.37
N THR B 160 26.04 2.20 -18.11
CA THR B 160 25.72 0.86 -17.64
C THR B 160 24.22 0.53 -17.66
N THR B 161 23.44 1.32 -16.92
CA THR B 161 22.01 1.04 -16.79
C THR B 161 21.27 1.14 -18.11
N LYS B 162 21.87 1.83 -19.08
CA LYS B 162 21.27 2.17 -20.37
C LYS B 162 20.10 3.17 -20.24
N LEU B 163 19.73 3.48 -19.00
CA LEU B 163 18.77 4.54 -18.71
C LEU B 163 19.52 5.86 -18.53
N VAL B 164 18.80 6.92 -18.21
CA VAL B 164 19.43 8.22 -18.05
C VAL B 164 20.15 8.32 -16.70
N ASP B 165 21.28 8.99 -16.71
CA ASP B 165 22.11 9.15 -15.52
C ASP B 165 21.45 10.17 -14.61
N TRP B 166 20.69 9.70 -13.61
CA TRP B 166 19.92 10.57 -12.73
C TRP B 166 20.80 11.55 -11.97
N LYS B 167 21.93 11.06 -11.44
CA LYS B 167 22.86 11.94 -10.73
C LYS B 167 23.34 13.07 -11.65
N LYS B 168 23.75 12.74 -12.86
CA LYS B 168 24.28 13.74 -13.79
C LYS B 168 23.19 14.72 -14.22
N LEU B 169 21.97 14.22 -14.40
CA LEU B 169 20.87 15.06 -14.83
C LEU B 169 20.58 16.11 -13.77
N PHE B 170 20.46 15.68 -12.51
CA PHE B 170 20.21 16.62 -11.43
C PHE B 170 21.31 17.68 -11.26
N GLU B 171 22.57 17.30 -11.51
CA GLU B 171 23.66 18.27 -11.46
C GLU B 171 23.52 19.27 -12.61
N ILE B 172 23.13 18.77 -13.78
CA ILE B 172 22.94 19.65 -14.93
C ILE B 172 21.84 20.68 -14.64
N LEU B 173 20.68 20.19 -14.18
CA LEU B 173 19.61 21.09 -13.75
C LEU B 173 20.11 22.17 -12.79
N LYS B 174 20.90 21.76 -11.80
CA LYS B 174 21.33 22.74 -10.82
C LYS B 174 22.36 23.72 -11.40
N GLU B 175 23.42 23.19 -12.00
CA GLU B 175 24.53 24.01 -12.47
C GLU B 175 24.22 24.82 -13.74
N GLU B 176 23.51 24.21 -14.68
CA GLU B 176 23.23 24.85 -15.98
C GLU B 176 21.96 25.68 -15.93
N PHE B 177 21.01 25.31 -15.07
CA PHE B 177 19.70 25.97 -15.11
C PHE B 177 19.18 26.59 -13.81
N ASN B 178 20.06 26.69 -12.81
CA ASN B 178 19.75 27.32 -11.51
C ASN B 178 18.58 26.66 -10.80
N ILE B 179 18.37 25.38 -11.06
CA ILE B 179 17.32 24.66 -10.35
C ILE B 179 17.91 24.15 -9.03
N ARG B 180 17.61 24.82 -7.93
CA ARG B 180 18.22 24.49 -6.66
C ARG B 180 17.50 23.33 -5.97
N SER B 181 16.23 23.13 -6.30
CA SER B 181 15.45 22.04 -5.71
C SER B 181 14.51 21.48 -6.75
N VAL B 182 14.26 20.17 -6.67
CA VAL B 182 13.38 19.55 -7.63
C VAL B 182 12.42 18.56 -6.97
N MET B 183 11.17 18.68 -7.37
CA MET B 183 10.10 17.83 -6.88
C MET B 183 9.74 16.88 -8.01
N VAL B 184 10.08 15.60 -7.87
CA VAL B 184 9.63 14.67 -8.90
C VAL B 184 8.28 14.02 -8.58
N GLU B 185 7.34 14.22 -9.48
CA GLU B 185 5.95 13.84 -9.19
C GLU B 185 5.50 12.56 -9.86
N GLY B 186 6.22 12.10 -10.86
CA GLY B 186 5.81 10.87 -11.49
C GLY B 186 6.29 10.47 -12.86
N GLY B 187 5.46 9.63 -13.47
CA GLY B 187 5.94 8.51 -14.24
C GLY B 187 6.21 7.50 -13.13
N ALA B 188 5.40 6.44 -13.03
CA ALA B 188 5.66 5.43 -12.01
C ALA B 188 7.04 4.83 -12.23
N ASN B 189 7.46 4.73 -13.49
CA ASN B 189 8.79 4.24 -13.81
C ASN B 189 9.93 5.12 -13.30
N VAL B 190 9.75 6.44 -13.37
CA VAL B 190 10.70 7.36 -12.74
C VAL B 190 10.72 7.13 -11.23
N ILE B 191 9.54 7.12 -10.61
CA ILE B 191 9.46 6.86 -9.16
C ILE B 191 10.14 5.54 -8.79
N ASN B 192 9.82 4.49 -9.53
CA ASN B 192 10.36 3.17 -9.26
C ASN B 192 11.89 3.11 -9.32
N GLN B 193 12.49 3.96 -10.14
CA GLN B 193 13.95 3.98 -10.23
C GLN B 193 14.54 4.79 -9.09
N LEU B 194 13.93 5.95 -8.82
CA LEU B 194 14.47 6.86 -7.82
C LEU B 194 14.31 6.36 -6.38
N LEU B 195 13.35 5.46 -6.16
CA LEU B 195 13.14 4.86 -4.83
C LEU B 195 14.41 4.13 -4.42
N LEU B 196 15.16 3.69 -5.42
CA LEU B 196 16.44 3.01 -5.21
C LEU B 196 17.60 3.97 -4.97
N ARG B 197 17.38 5.27 -5.14
CA ARG B 197 18.53 6.20 -5.09
C ARG B 197 18.62 7.03 -3.82
N SER B 198 19.06 6.40 -2.74
CA SER B 198 19.17 7.08 -1.44
C SER B 198 20.26 8.13 -1.47
N ASP B 199 21.11 8.06 -2.47
CA ASP B 199 22.19 9.02 -2.62
C ASP B 199 21.75 10.27 -3.39
N ILE B 200 20.54 10.24 -3.94
CA ILE B 200 20.01 11.35 -4.71
C ILE B 200 18.84 11.99 -3.98
N VAL B 201 17.90 11.14 -3.56
CA VAL B 201 16.63 11.61 -3.03
C VAL B 201 16.80 12.10 -1.60
N ASN B 202 16.21 13.25 -1.31
CA ASN B 202 16.33 13.86 0.01
C ASN B 202 15.10 13.72 0.89
N SER B 203 13.92 13.76 0.28
CA SER B 203 12.65 13.63 1.00
C SER B 203 11.69 12.77 0.18
N LEU B 204 10.85 12.01 0.86
CA LEU B 204 9.85 11.19 0.18
C LEU B 204 8.52 11.56 0.80
N ILE B 205 7.54 11.93 -0.01
CA ILE B 205 6.27 12.43 0.49
C ILE B 205 5.13 11.74 -0.25
N ILE B 206 4.47 10.82 0.46
CA ILE B 206 3.49 9.95 -0.16
C ILE B 206 2.13 10.16 0.46
N THR B 207 1.13 10.46 -0.38
CA THR B 207 -0.25 10.50 0.08
C THR B 207 -0.89 9.15 -0.22
N ILE B 208 -1.62 8.60 0.73
CA ILE B 208 -2.35 7.36 0.48
C ILE B 208 -3.83 7.62 0.68
N GLY B 209 -4.63 7.34 -0.35
CA GLY B 209 -6.06 7.57 -0.28
C GLY B 209 -6.77 6.30 0.15
N SER B 210 -7.95 6.45 0.76
CA SER B 210 -8.69 5.29 1.27
C SER B 210 -9.60 4.66 0.20
N THR B 211 -8.96 4.13 -0.83
CA THR B 211 -9.64 3.49 -1.95
C THR B 211 -8.73 2.45 -2.60
N PHE B 212 -9.32 1.48 -3.28
CA PHE B 212 -8.58 0.56 -4.11
C PHE B 212 -8.84 0.89 -5.56
N LEU B 213 -7.77 1.03 -6.34
CA LEU B 213 -7.89 1.30 -7.78
C LEU B 213 -8.04 0.03 -8.62
N GLY B 214 -7.49 -1.08 -8.14
CA GLY B 214 -7.63 -2.32 -8.87
C GLY B 214 -6.33 -2.75 -9.52
N SER B 215 -6.17 -4.04 -9.72
CA SER B 215 -4.87 -4.63 -10.04
C SER B 215 -4.34 -4.20 -11.40
N SER B 216 -5.23 -3.82 -12.31
CA SER B 216 -4.83 -3.42 -13.66
C SER B 216 -4.22 -2.01 -13.71
N GLY B 217 -4.34 -1.26 -12.63
CA GLY B 217 -3.78 0.07 -12.56
C GLY B 217 -2.26 0.07 -12.45
N THR B 218 -1.64 1.18 -12.83
CA THR B 218 -0.18 1.27 -12.82
C THR B 218 0.37 1.44 -11.40
N GLU B 219 1.22 0.49 -11.00
CA GLU B 219 1.68 0.44 -9.61
C GLU B 219 2.97 1.21 -9.40
N VAL B 220 3.20 1.63 -8.16
CA VAL B 220 4.52 2.06 -7.77
C VAL B 220 5.08 1.06 -6.79
N SER B 221 6.14 0.38 -7.21
CA SER B 221 6.85 -0.56 -6.38
C SER B 221 8.24 -0.77 -6.93
N PRO B 222 9.27 -0.49 -6.11
CA PRO B 222 10.67 -0.69 -6.52
C PRO B 222 10.93 -2.18 -6.81
N PRO B 223 11.97 -2.48 -7.60
CA PRO B 223 12.33 -3.84 -8.00
C PRO B 223 12.88 -4.62 -6.80
N GLN B 224 13.37 -3.91 -5.81
CA GLN B 224 13.83 -4.55 -4.58
C GLN B 224 13.26 -3.85 -3.35
N THR B 225 13.61 -4.35 -2.18
CA THR B 225 13.07 -3.77 -0.95
C THR B 225 13.77 -2.45 -0.73
N VAL B 226 13.02 -1.50 -0.17
CA VAL B 226 13.54 -0.17 0.12
C VAL B 226 13.15 0.19 1.54
N ASN B 227 14.15 0.38 2.39
CA ASN B 227 13.93 0.84 3.76
C ASN B 227 13.94 2.35 3.93
N LEU B 228 13.15 2.80 4.90
CA LEU B 228 12.94 4.21 5.13
C LEU B 228 13.47 4.59 6.49
N LYS B 229 13.66 5.89 6.70
CA LYS B 229 14.07 6.40 7.99
C LYS B 229 13.43 7.76 8.17
N ASP B 230 13.45 8.24 9.42
CA ASP B 230 13.02 9.59 9.75
C ASP B 230 11.59 9.78 9.24
N MET B 231 10.76 8.76 9.46
CA MET B 231 9.38 8.80 8.98
C MET B 231 8.44 9.57 9.90
N SER B 232 7.41 10.16 9.29
CA SER B 232 6.42 10.91 10.04
C SER B 232 5.09 10.81 9.29
N TRP B 233 4.01 10.54 10.02
CA TRP B 233 2.71 10.37 9.39
C TRP B 233 1.79 11.52 9.75
N TRP B 234 0.93 11.89 8.82
CA TRP B 234 -0.10 12.88 9.07
C TRP B 234 -1.42 12.24 8.68
N LYS B 235 -2.49 12.48 9.41
CA LYS B 235 -3.73 11.84 9.00
C LYS B 235 -4.81 12.87 8.74
N GLY B 236 -5.52 12.68 7.63
CA GLY B 236 -6.63 13.56 7.29
C GLY B 236 -7.95 12.84 7.50
N ILE B 237 -8.97 13.30 6.78
CA ILE B 237 -10.30 12.72 6.90
C ILE B 237 -10.39 11.37 6.20
N THR B 238 -9.88 11.30 4.98
CA THR B 238 -9.98 10.11 4.17
C THR B 238 -8.60 9.66 3.74
N ASP B 239 -7.61 10.53 3.94
CA ASP B 239 -6.25 10.29 3.47
C ASP B 239 -5.24 10.31 4.60
N VAL B 240 -4.05 9.80 4.31
CA VAL B 240 -2.92 9.88 5.20
C VAL B 240 -1.73 10.32 4.34
N VAL B 241 -0.77 11.01 4.95
CA VAL B 241 0.45 11.39 4.24
C VAL B 241 1.67 10.88 5.01
N LEU B 242 2.58 10.23 4.31
CA LEU B 242 3.86 9.83 4.91
C LEU B 242 4.93 10.81 4.45
N CYS B 243 5.66 11.40 5.39
CA CYS B 243 6.93 12.03 5.07
C CYS B 243 8.06 11.16 5.57
N ALA B 244 9.10 10.97 4.75
CA ALA B 244 10.25 10.16 5.16
C ALA B 244 11.49 10.42 4.32
N ARG B 245 12.56 9.72 4.70
CA ARG B 245 13.81 9.68 3.97
C ARG B 245 14.18 8.25 3.60
N LEU B 246 15.06 8.13 2.62
CA LEU B 246 15.48 6.83 2.14
C LEU B 246 16.69 6.38 2.96
N ALA B 247 16.65 5.17 3.51
CA ALA B 247 17.76 4.65 4.31
C ALA B 247 18.97 4.36 3.42
N ASP B 248 20.17 4.50 4.00
CA ASP B 248 21.46 4.42 3.29
C ASP B 248 21.69 5.64 2.40
#